data_5YJI
#
_entry.id   5YJI
#
_cell.length_a   47.356
_cell.length_b   71.622
_cell.length_c   157.408
_cell.angle_alpha   90.00
_cell.angle_beta   90.00
_cell.angle_gamma   90.00
#
_symmetry.space_group_name_H-M   'P 21 21 21'
#
loop_
_entity.id
_entity.type
_entity.pdbx_description
1 polymer 'Nicotinamide N-methyltransferase'
2 non-polymer S-ADENOSYL-L-HOMOCYSTEINE
3 non-polymer 6-methoxy-1-methyl-2H-pyridine-3-carboxamide
4 water water
#
_entity_poly.entity_id   1
_entity_poly.type   'polypeptide(L)'
_entity_poly.pdbx_seq_one_letter_code
;MGSSHHHHHHSSGLVPRGSHMESGFTSKDTYLSHFNPRDYLEKYYSFGSRHCAENEILRHLLKNLFKIFCLGAVKGELLI
DIGSGPTIYQLLSACESFTEIIVSDYTDQNLWELQKWLKKEPGAFDWSPVVTYVCDLEGNRMKGPEKEEKLRRAIKQVLK
CDVTQSQPLGGVSLPPADCLLSTLCLDAACPDLPAYRTALRNLGSLLKPGGFLVMVDALKSSYYMIGEQKFSSLPLGWET
VRDAVEEAGYTIEQFEVISQNYSSTTSNNEGLFSLVGRKPGRSE
;
_entity_poly.pdbx_strand_id   A,B
#
loop_
_chem_comp.id
_chem_comp.type
_chem_comp.name
_chem_comp.formula
8WO non-polymer 6-methoxy-1-methyl-2H-pyridine-3-carboxamide 'C8 H12 N2 O2'
#
# COMPACT_ATOMS: atom_id res chain seq x y z
N PHE A 25 19.53 -1.66 -23.24
CA PHE A 25 19.46 -1.46 -21.76
C PHE A 25 20.80 -0.92 -21.26
N THR A 26 20.74 0.05 -20.34
CA THR A 26 21.93 0.69 -19.76
C THR A 26 22.89 -0.34 -19.14
N SER A 27 24.14 -0.33 -19.60
CA SER A 27 25.17 -1.22 -19.09
C SER A 27 25.82 -0.67 -17.82
N LYS A 28 26.54 -1.54 -17.11
CA LYS A 28 27.38 -1.17 -15.95
C LYS A 28 28.34 -0.05 -16.30
N ASP A 29 29.00 -0.18 -17.46
CA ASP A 29 29.95 0.81 -17.97
C ASP A 29 29.33 2.20 -18.08
N THR A 30 28.07 2.25 -18.51
CA THR A 30 27.37 3.52 -18.63
C THR A 30 27.15 4.18 -17.27
N TYR A 31 26.89 3.39 -16.23
CA TYR A 31 26.81 3.96 -14.88
C TYR A 31 28.13 4.66 -14.51
N LEU A 32 29.25 3.97 -14.71
CA LEU A 32 30.55 4.54 -14.38
C LEU A 32 30.83 5.84 -15.13
N SER A 33 30.48 5.88 -16.41
CA SER A 33 30.80 7.01 -17.27
C SER A 33 29.74 8.13 -17.31
N HIS A 34 28.55 7.90 -16.76
CA HIS A 34 27.46 8.89 -16.90
C HIS A 34 26.76 9.31 -15.61
N PHE A 35 26.78 8.45 -14.58
CA PHE A 35 26.09 8.73 -13.32
C PHE A 35 26.81 9.78 -12.48
N ASN A 36 26.17 10.94 -12.35
CA ASN A 36 26.66 12.05 -11.56
C ASN A 36 25.96 12.11 -10.20
N PRO A 37 26.64 11.69 -9.11
CA PRO A 37 26.03 11.53 -7.78
C PRO A 37 25.40 12.81 -7.22
N ARG A 38 26.13 13.92 -7.31
CA ARG A 38 25.63 15.19 -6.77
C ARG A 38 24.38 15.65 -7.52
N ASP A 39 24.36 15.50 -8.85
CA ASP A 39 23.20 15.88 -9.66
C ASP A 39 21.99 15.01 -9.28
N TYR A 40 22.23 13.70 -9.16
CA TYR A 40 21.23 12.73 -8.72
C TYR A 40 20.56 13.16 -7.41
N LEU A 41 21.40 13.49 -6.42
CA LEU A 41 20.92 13.91 -5.10
C LEU A 41 20.10 15.20 -5.18
N GLU A 42 20.62 16.17 -5.93
CA GLU A 42 19.93 17.46 -6.09
C GLU A 42 18.53 17.33 -6.71
N LYS A 43 18.41 16.44 -7.70
CA LYS A 43 17.17 16.30 -8.46
C LYS A 43 16.12 15.46 -7.77
N TYR A 44 16.54 14.55 -6.90
CA TYR A 44 15.61 13.60 -6.28
C TYR A 44 15.48 13.72 -4.77
N TYR A 45 16.50 14.24 -4.09
CA TYR A 45 16.57 14.15 -2.63
C TYR A 45 16.83 15.47 -1.90
N SER A 46 16.65 16.60 -2.61
CA SER A 46 16.86 17.91 -1.99
CA SER A 46 16.83 17.93 -2.02
C SER A 46 15.72 18.28 -1.05
N PHE A 47 14.53 17.73 -1.29
CA PHE A 47 13.36 17.95 -0.43
C PHE A 47 13.07 19.44 -0.30
N GLY A 48 13.16 20.16 -1.42
CA GLY A 48 13.00 21.62 -1.46
C GLY A 48 11.73 22.05 -2.17
N SER A 49 11.71 23.28 -2.68
CA SER A 49 10.50 23.86 -3.28
C SER A 49 10.21 23.33 -4.69
N ARG A 50 11.28 22.97 -5.40
CA ARG A 50 11.14 22.39 -6.73
C ARG A 50 11.12 20.86 -6.61
N HIS A 51 10.88 20.17 -7.72
CA HIS A 51 10.82 18.70 -7.76
C HIS A 51 9.74 18.17 -6.81
N CYS A 52 8.53 18.68 -6.95
CA CYS A 52 7.45 18.37 -6.04
C CYS A 52 6.96 16.92 -6.08
N ALA A 53 6.95 16.31 -7.27
CA ALA A 53 6.60 14.88 -7.40
C ALA A 53 7.64 14.01 -6.69
N GLU A 54 8.90 14.37 -6.86
CA GLU A 54 10.01 13.69 -6.23
C GLU A 54 9.92 13.79 -4.70
N ASN A 55 9.52 14.97 -4.20
CA ASN A 55 9.28 15.17 -2.76
C ASN A 55 8.20 14.26 -2.20
N GLU A 56 7.09 14.15 -2.93
CA GLU A 56 5.97 13.32 -2.49
C GLU A 56 6.34 11.83 -2.40
N ILE A 57 7.05 11.33 -3.40
CA ILE A 57 7.56 9.95 -3.37
C ILE A 57 8.48 9.72 -2.16
N LEU A 58 9.41 10.64 -1.95
CA LEU A 58 10.34 10.55 -0.83
C LEU A 58 9.63 10.47 0.53
N ARG A 59 8.61 11.32 0.74
CA ARG A 59 7.82 11.28 1.98
C ARG A 59 7.21 9.89 2.21
N HIS A 60 6.62 9.32 1.15
CA HIS A 60 6.01 8.00 1.23
CA HIS A 60 6.01 8.00 1.21
C HIS A 60 7.04 6.90 1.45
N LEU A 61 8.19 7.01 0.79
CA LEU A 61 9.28 6.06 1.02
C LEU A 61 9.74 6.08 2.47
N LEU A 62 9.88 7.28 3.04
CA LEU A 62 10.33 7.43 4.42
C LEU A 62 9.30 6.89 5.42
N LYS A 63 8.03 7.10 5.11
CA LYS A 63 6.93 6.54 5.91
C LYS A 63 6.94 5.00 5.92
N ASN A 64 7.09 4.41 4.74
CA ASN A 64 7.14 2.94 4.62
C ASN A 64 8.36 2.33 5.30
N LEU A 65 9.52 2.95 5.12
CA LEU A 65 10.76 2.51 5.76
C LEU A 65 10.68 2.62 7.29
N PHE A 66 10.10 3.71 7.78
CA PHE A 66 9.83 3.86 9.22
C PHE A 66 8.99 2.70 9.75
N LYS A 67 7.89 2.40 9.07
CA LYS A 67 7.03 1.29 9.46
C LYS A 67 7.75 -0.06 9.42
N ILE A 68 8.51 -0.29 8.36
CA ILE A 68 9.27 -1.53 8.19
C ILE A 68 10.29 -1.73 9.32
N PHE A 69 11.07 -0.69 9.62
CA PHE A 69 12.18 -0.83 10.56
C PHE A 69 11.85 -0.55 12.01
N CYS A 70 10.85 0.31 12.26
CA CYS A 70 10.54 0.72 13.64
C CYS A 70 9.31 0.05 14.24
N LEU A 71 8.38 -0.39 13.40
CA LEU A 71 7.11 -0.93 13.89
C LEU A 71 6.97 -2.45 13.78
N GLY A 72 7.94 -3.10 13.14
CA GLY A 72 7.87 -4.54 12.88
C GLY A 72 8.84 -5.41 13.66
N ALA A 73 9.16 -6.57 13.07
CA ALA A 73 10.11 -7.51 13.63
C ALA A 73 11.44 -7.47 12.89
N VAL A 74 11.63 -6.45 12.06
CA VAL A 74 12.85 -6.34 11.23
C VAL A 74 13.93 -5.62 12.03
N LYS A 75 14.70 -6.41 12.77
CA LYS A 75 15.77 -5.92 13.64
C LYS A 75 16.88 -6.97 13.62
N GLY A 76 18.06 -6.59 14.10
CA GLY A 76 19.18 -7.51 14.14
C GLY A 76 20.51 -6.81 14.32
N GLU A 77 21.59 -7.58 14.13
CA GLU A 77 22.94 -7.07 14.31
CA GLU A 77 22.95 -7.08 14.30
C GLU A 77 23.45 -6.38 13.04
N LEU A 78 23.37 -7.07 11.91
CA LEU A 78 23.96 -6.58 10.67
C LEU A 78 22.97 -6.43 9.52
N LEU A 79 23.01 -5.24 8.90
CA LEU A 79 22.25 -4.96 7.70
C LEU A 79 23.23 -4.60 6.58
N ILE A 80 23.04 -5.22 5.42
CA ILE A 80 23.80 -4.88 4.20
C ILE A 80 22.86 -4.21 3.20
N ASP A 81 23.19 -2.98 2.83
CA ASP A 81 22.43 -2.23 1.82
C ASP A 81 23.13 -2.39 0.46
N ILE A 82 22.38 -2.86 -0.52
CA ILE A 82 22.92 -3.16 -1.85
C ILE A 82 22.47 -2.10 -2.85
N GLY A 83 23.44 -1.47 -3.53
CA GLY A 83 23.13 -0.44 -4.52
C GLY A 83 22.70 0.86 -3.89
N SER A 84 23.38 1.22 -2.79
CA SER A 84 23.07 2.41 -1.98
C SER A 84 23.14 3.71 -2.76
N GLY A 85 23.91 3.71 -3.84
CA GLY A 85 24.21 4.93 -4.56
C GLY A 85 24.86 5.90 -3.60
N PRO A 86 24.61 7.20 -3.79
CA PRO A 86 25.14 8.21 -2.88
C PRO A 86 24.15 8.60 -1.75
N THR A 87 23.14 7.77 -1.50
CA THR A 87 22.05 8.17 -0.60
C THR A 87 22.11 7.52 0.79
N ILE A 88 21.54 8.21 1.78
CA ILE A 88 21.45 7.67 3.13
C ILE A 88 20.01 7.63 3.67
N TYR A 89 19.08 8.25 2.94
CA TYR A 89 17.66 8.33 3.37
C TYR A 89 17.10 6.95 3.77
N GLN A 90 17.52 5.90 3.06
CA GLN A 90 16.99 4.57 3.27
C GLN A 90 17.56 3.86 4.52
N LEU A 91 18.47 4.55 5.21
CA LEU A 91 19.17 3.98 6.38
C LEU A 91 18.79 4.66 7.69
N LEU A 92 18.05 5.76 7.60
CA LEU A 92 17.75 6.57 8.78
C LEU A 92 16.89 5.86 9.82
N SER A 93 15.81 5.20 9.39
CA SER A 93 15.03 4.36 10.32
C SER A 93 15.74 3.04 10.63
N ALA A 94 16.39 2.45 9.63
CA ALA A 94 17.14 1.20 9.79
C ALA A 94 18.11 1.21 10.98
N CYS A 95 18.82 2.32 11.18
CA CYS A 95 19.83 2.42 12.25
C CYS A 95 19.25 2.38 13.68
N GLU A 96 17.94 2.51 13.80
CA GLU A 96 17.24 2.31 15.07
C GLU A 96 17.13 0.82 15.39
N SER A 97 17.24 -0.03 14.35
CA SER A 97 17.00 -1.46 14.49
C SER A 97 18.23 -2.32 14.22
N PHE A 98 19.29 -1.71 13.70
CA PHE A 98 20.52 -2.45 13.37
C PHE A 98 21.77 -1.74 13.86
N THR A 99 22.61 -2.50 14.57
CA THR A 99 23.83 -1.98 15.18
C THR A 99 24.95 -1.74 14.17
N GLU A 100 25.04 -2.62 13.17
CA GLU A 100 26.04 -2.52 12.12
C GLU A 100 25.39 -2.43 10.74
N ILE A 101 25.85 -1.45 9.94
CA ILE A 101 25.36 -1.30 8.58
C ILE A 101 26.53 -1.26 7.59
N ILE A 102 26.43 -2.08 6.55
CA ILE A 102 27.34 -2.03 5.43
C ILE A 102 26.61 -1.46 4.22
N VAL A 103 27.17 -0.40 3.63
CA VAL A 103 26.63 0.15 2.39
C VAL A 103 27.51 -0.23 1.20
N SER A 104 26.89 -0.39 0.04
CA SER A 104 27.59 -0.90 -1.13
C SER A 104 26.97 -0.40 -2.43
N ASP A 105 27.81 -0.21 -3.44
CA ASP A 105 27.38 0.22 -4.76
C ASP A 105 28.37 -0.19 -5.83
N TYR A 106 27.88 -0.34 -7.06
CA TYR A 106 28.73 -0.61 -8.21
C TYR A 106 29.56 0.60 -8.65
N THR A 107 29.05 1.79 -8.40
CA THR A 107 29.62 3.00 -9.00
C THR A 107 30.52 3.77 -8.05
N ASP A 108 31.82 3.80 -8.38
CA ASP A 108 32.84 4.35 -7.49
C ASP A 108 32.53 5.78 -7.00
N GLN A 109 32.15 6.65 -7.93
CA GLN A 109 31.89 8.05 -7.54
C GLN A 109 30.72 8.21 -6.57
N ASN A 110 29.76 7.28 -6.60
CA ASN A 110 28.64 7.29 -5.62
C ASN A 110 29.14 7.04 -4.20
N LEU A 111 30.04 6.07 -4.07
CA LEU A 111 30.66 5.73 -2.79
C LEU A 111 31.48 6.90 -2.23
N TRP A 112 32.17 7.64 -3.10
CA TRP A 112 32.93 8.81 -2.67
C TRP A 112 32.02 9.96 -2.21
N GLU A 113 30.89 10.14 -2.90
CA GLU A 113 29.90 11.14 -2.52
C GLU A 113 29.30 10.81 -1.14
N LEU A 114 29.04 9.53 -0.92
CA LEU A 114 28.57 9.05 0.37
C LEU A 114 29.59 9.38 1.46
N GLN A 115 30.86 9.12 1.17
CA GLN A 115 31.96 9.38 2.11
C GLN A 115 32.10 10.86 2.52
N LYS A 116 31.82 11.77 1.59
CA LYS A 116 31.76 13.20 1.89
C LYS A 116 30.86 13.46 3.08
N TRP A 117 29.72 12.78 3.10
CA TRP A 117 28.73 12.97 4.16
C TRP A 117 29.13 12.23 5.43
N LEU A 118 29.58 10.99 5.29
CA LEU A 118 30.02 10.20 6.44
C LEU A 118 31.14 10.90 7.23
N LYS A 119 32.10 11.48 6.51
CA LYS A 119 33.25 12.15 7.12
C LYS A 119 32.97 13.61 7.48
N LYS A 120 31.72 14.03 7.29
CA LYS A 120 31.24 15.38 7.61
C LYS A 120 32.09 16.46 6.93
N GLU A 121 32.38 16.23 5.65
CA GLU A 121 33.18 17.16 4.88
C GLU A 121 32.37 18.37 4.44
N PRO A 122 33.02 19.54 4.31
CA PRO A 122 32.41 20.67 3.61
C PRO A 122 32.01 20.26 2.19
N GLY A 123 30.83 20.68 1.77
CA GLY A 123 30.33 20.35 0.44
C GLY A 123 29.57 19.03 0.38
N ALA A 124 29.49 18.32 1.50
CA ALA A 124 28.65 17.13 1.57
C ALA A 124 27.20 17.52 1.31
N PHE A 125 26.41 16.61 0.76
CA PHE A 125 25.01 16.90 0.48
C PHE A 125 24.24 17.23 1.76
N ASP A 126 23.34 18.20 1.67
CA ASP A 126 22.52 18.57 2.82
C ASP A 126 21.34 17.62 3.00
N TRP A 127 21.47 16.68 3.93
CA TRP A 127 20.39 15.74 4.24
C TRP A 127 19.43 16.22 5.33
N SER A 128 19.70 17.40 5.91
CA SER A 128 18.91 17.93 7.06
C SER A 128 17.37 17.81 6.95
N PRO A 129 16.76 18.34 5.87
CA PRO A 129 15.30 18.25 5.74
C PRO A 129 14.76 16.82 5.77
N VAL A 130 15.49 15.89 5.14
CA VAL A 130 15.14 14.47 5.19
C VAL A 130 15.30 13.92 6.62
N VAL A 131 16.45 14.21 7.24
CA VAL A 131 16.74 13.75 8.60
C VAL A 131 15.67 14.24 9.59
N THR A 132 15.31 15.52 9.46
CA THR A 132 14.28 16.15 10.28
C THR A 132 12.94 15.42 10.13
N TYR A 133 12.58 15.11 8.89
CA TYR A 133 11.32 14.42 8.59
C TYR A 133 11.22 13.05 9.28
N VAL A 134 12.31 12.28 9.21
CA VAL A 134 12.40 10.97 9.85
C VAL A 134 12.32 11.12 11.38
N CYS A 135 13.03 12.09 11.92
CA CYS A 135 12.94 12.42 13.35
C CYS A 135 11.49 12.73 13.77
N ASP A 136 10.80 13.53 12.96
CA ASP A 136 9.37 13.80 13.14
C ASP A 136 8.54 12.50 13.12
N LEU A 137 8.81 11.63 12.14
CA LEU A 137 8.11 10.36 12.00
C LEU A 137 8.30 9.44 13.21
N GLU A 138 9.49 9.50 13.80
CA GLU A 138 9.85 8.63 14.92
C GLU A 138 9.48 9.25 16.27
N GLY A 139 8.67 10.31 16.25
CA GLY A 139 8.09 10.89 17.45
C GLY A 139 8.89 12.00 18.10
N ASN A 140 9.95 12.44 17.43
CA ASN A 140 10.85 13.48 17.95
C ASN A 140 11.57 13.12 19.26
N ARG A 141 11.80 11.82 19.44
CA ARG A 141 12.56 11.30 20.57
C ARG A 141 14.04 11.65 20.41
N MET A 142 14.33 12.34 19.31
CA MET A 142 15.70 12.57 18.86
C MET A 142 15.70 13.77 17.93
N LYS A 143 16.73 14.59 18.04
CA LYS A 143 16.91 15.72 17.15
C LYS A 143 17.85 15.34 16.01
N GLY A 144 17.89 16.17 14.97
CA GLY A 144 18.66 15.90 13.75
C GLY A 144 20.09 15.45 13.97
N PRO A 145 20.94 16.32 14.57
CA PRO A 145 22.34 16.00 14.83
C PRO A 145 22.57 14.66 15.56
N GLU A 146 21.70 14.31 16.49
CA GLU A 146 21.81 13.03 17.18
C GLU A 146 21.55 11.84 16.23
N LYS A 147 20.52 11.98 15.39
CA LYS A 147 20.20 10.94 14.39
C LYS A 147 21.35 10.72 13.42
N GLU A 148 21.93 11.83 12.95
CA GLU A 148 23.04 11.77 12.01
C GLU A 148 24.29 11.12 12.60
N GLU A 149 24.56 11.39 13.87
CA GLU A 149 25.67 10.76 14.57
C GLU A 149 25.46 9.25 14.72
N LYS A 150 24.25 8.85 15.08
CA LYS A 150 23.90 7.44 15.27
C LYS A 150 24.06 6.64 13.97
N LEU A 151 23.63 7.23 12.84
CA LEU A 151 23.79 6.58 11.54
C LEU A 151 25.27 6.45 11.16
N ARG A 152 26.04 7.52 11.35
CA ARG A 152 27.47 7.50 11.06
C ARG A 152 28.17 6.39 11.86
N ARG A 153 27.75 6.24 13.11
CA ARG A 153 28.28 5.25 14.03
C ARG A 153 27.94 3.82 13.58
N ALA A 154 26.72 3.63 13.07
CA ALA A 154 26.25 2.33 12.59
C ALA A 154 26.94 1.86 11.30
N ILE A 155 27.27 2.79 10.41
CA ILE A 155 27.87 2.41 9.13
C ILE A 155 29.33 2.00 9.30
N LYS A 156 29.56 0.69 9.17
CA LYS A 156 30.87 0.09 9.44
C LYS A 156 31.79 0.00 8.23
N GLN A 157 31.20 -0.24 7.06
CA GLN A 157 31.96 -0.43 5.82
CA GLN A 157 31.95 -0.44 5.83
C GLN A 157 31.27 0.19 4.61
N VAL A 158 32.06 0.68 3.67
CA VAL A 158 31.56 1.20 2.40
C VAL A 158 32.27 0.42 1.29
N LEU A 159 31.53 -0.47 0.62
CA LEU A 159 32.12 -1.48 -0.26
C LEU A 159 31.65 -1.46 -1.71
N LYS A 160 32.50 -1.93 -2.61
CA LYS A 160 32.12 -2.17 -4.00
C LYS A 160 31.23 -3.42 -4.04
N CYS A 161 30.17 -3.37 -4.85
CA CYS A 161 29.30 -4.52 -5.10
C CYS A 161 28.82 -4.58 -6.54
N ASP A 162 28.45 -5.77 -6.97
CA ASP A 162 27.87 -6.00 -8.29
C ASP A 162 26.82 -7.09 -8.13
N VAL A 163 25.55 -6.69 -8.22
CA VAL A 163 24.40 -7.60 -8.01
C VAL A 163 24.31 -8.74 -9.03
N THR A 164 24.95 -8.55 -10.18
CA THR A 164 24.89 -9.52 -11.26
C THR A 164 25.83 -10.71 -11.00
N GLN A 165 26.66 -10.60 -9.97
CA GLN A 165 27.66 -11.63 -9.68
C GLN A 165 27.18 -12.57 -8.59
N SER A 166 27.54 -13.85 -8.69
CA SER A 166 27.13 -14.86 -7.69
CA SER A 166 27.16 -14.86 -7.70
C SER A 166 27.63 -14.49 -6.30
N GLN A 167 28.80 -13.85 -6.24
CA GLN A 167 29.31 -13.26 -5.02
CA GLN A 167 29.34 -13.26 -5.02
C GLN A 167 29.25 -11.74 -5.15
N PRO A 168 28.11 -11.12 -4.75
CA PRO A 168 27.92 -9.70 -5.07
C PRO A 168 28.89 -8.73 -4.40
N LEU A 169 29.49 -9.12 -3.29
CA LEU A 169 30.48 -8.27 -2.62
C LEU A 169 31.93 -8.66 -2.93
N GLY A 170 32.11 -9.38 -4.05
CA GLY A 170 33.44 -9.77 -4.51
C GLY A 170 34.06 -10.91 -3.72
N GLY A 171 33.24 -11.58 -2.92
CA GLY A 171 33.68 -12.73 -2.15
C GLY A 171 34.47 -12.40 -0.89
N VAL A 172 34.32 -11.18 -0.38
CA VAL A 172 34.94 -10.81 0.90
C VAL A 172 34.29 -11.59 2.02
N SER A 173 35.06 -11.94 3.05
CA SER A 173 34.53 -12.72 4.15
C SER A 173 33.77 -11.80 5.10
N LEU A 174 32.46 -12.02 5.17
CA LEU A 174 31.58 -11.27 6.06
C LEU A 174 30.62 -12.25 6.71
N PRO A 175 30.16 -11.95 7.94
CA PRO A 175 29.12 -12.77 8.53
C PRO A 175 27.84 -12.68 7.67
N PRO A 176 27.01 -13.73 7.68
CA PRO A 176 25.72 -13.61 7.01
C PRO A 176 24.90 -12.51 7.67
N ALA A 177 24.20 -11.74 6.85
CA ALA A 177 23.45 -10.59 7.34
C ALA A 177 22.10 -10.99 7.93
N ASP A 178 21.66 -10.23 8.92
CA ASP A 178 20.33 -10.35 9.47
C ASP A 178 19.30 -9.70 8.53
N CYS A 179 19.73 -8.66 7.82
CA CYS A 179 18.87 -7.98 6.85
C CYS A 179 19.62 -7.55 5.61
N LEU A 180 18.93 -7.69 4.48
CA LEU A 180 19.44 -7.31 3.18
C LEU A 180 18.48 -6.24 2.67
N LEU A 181 19.01 -5.03 2.42
CA LEU A 181 18.20 -3.91 1.94
C LEU A 181 18.65 -3.48 0.56
N SER A 182 17.69 -3.21 -0.32
CA SER A 182 18.01 -2.66 -1.64
C SER A 182 16.89 -1.74 -2.15
N THR A 183 17.21 -0.47 -2.34
CA THR A 183 16.23 0.51 -2.78
C THR A 183 16.59 1.05 -4.16
N LEU A 184 15.64 0.94 -5.08
CA LEU A 184 15.72 1.54 -6.42
C LEU A 184 16.95 1.09 -7.23
N CYS A 185 17.43 -0.11 -6.96
CA CYS A 185 18.61 -0.67 -7.61
C CYS A 185 18.28 -1.77 -8.63
N LEU A 186 17.49 -2.77 -8.23
CA LEU A 186 17.35 -3.98 -9.07
C LEU A 186 16.71 -3.71 -10.44
N ASP A 187 15.69 -2.85 -10.48
CA ASP A 187 15.05 -2.46 -11.75
C ASP A 187 16.06 -1.85 -12.70
N ALA A 188 17.01 -1.09 -12.15
CA ALA A 188 18.01 -0.37 -12.93
C ALA A 188 19.17 -1.26 -13.35
N ALA A 189 19.44 -2.29 -12.55
CA ALA A 189 20.57 -3.18 -12.77
C ALA A 189 20.27 -4.42 -13.61
N CYS A 190 18.99 -4.70 -13.87
CA CYS A 190 18.58 -5.95 -14.53
C CYS A 190 17.80 -5.71 -15.83
N PRO A 191 18.39 -6.11 -16.98
CA PRO A 191 17.79 -5.86 -18.28
C PRO A 191 16.53 -6.68 -18.60
N ASP A 192 16.33 -7.79 -17.91
CA ASP A 192 15.14 -8.61 -18.11
C ASP A 192 14.80 -9.44 -16.88
N LEU A 193 13.66 -10.12 -16.93
CA LEU A 193 13.18 -10.91 -15.78
C LEU A 193 14.12 -12.06 -15.37
N PRO A 194 14.63 -12.87 -16.32
CA PRO A 194 15.66 -13.83 -15.90
C PRO A 194 16.83 -13.18 -15.15
N ALA A 195 17.29 -12.01 -15.60
CA ALA A 195 18.37 -11.32 -14.92
C ALA A 195 17.95 -10.84 -13.54
N TYR A 196 16.71 -10.38 -13.41
CA TYR A 196 16.13 -9.94 -12.14
C TYR A 196 16.07 -11.08 -11.12
N ARG A 197 15.64 -12.26 -11.57
CA ARG A 197 15.57 -13.45 -10.72
C ARG A 197 16.98 -13.87 -10.25
N THR A 198 17.94 -13.80 -11.16
CA THR A 198 19.35 -14.14 -10.85
C THR A 198 19.92 -13.19 -9.80
N ALA A 199 19.65 -11.89 -9.94
CA ALA A 199 20.10 -10.89 -8.97
C ALA A 199 19.53 -11.18 -7.58
N LEU A 200 18.25 -11.53 -7.53
CA LEU A 200 17.59 -11.91 -6.27
C LEU A 200 18.27 -13.12 -5.63
N ARG A 201 18.62 -14.11 -6.45
CA ARG A 201 19.33 -15.28 -5.97
C ARG A 201 20.72 -14.89 -5.43
N ASN A 202 21.41 -14.05 -6.18
CA ASN A 202 22.74 -13.54 -5.79
C ASN A 202 22.74 -12.85 -4.44
N LEU A 203 21.78 -11.96 -4.22
CA LEU A 203 21.65 -11.24 -2.94
C LEU A 203 21.43 -12.17 -1.76
N GLY A 204 20.69 -13.25 -2.00
CA GLY A 204 20.35 -14.23 -0.96
C GLY A 204 21.57 -14.92 -0.38
N SER A 205 22.64 -15.00 -1.16
CA SER A 205 23.92 -15.56 -0.70
C SER A 205 24.52 -14.80 0.49
N LEU A 206 24.09 -13.55 0.69
CA LEU A 206 24.61 -12.70 1.74
C LEU A 206 23.78 -12.74 3.02
N LEU A 207 22.64 -13.42 2.97
CA LEU A 207 21.63 -13.34 4.02
C LEU A 207 21.47 -14.65 4.81
N LYS A 208 21.36 -14.52 6.14
CA LYS A 208 21.12 -15.66 7.05
C LYS A 208 19.79 -16.35 6.72
N PRO A 209 19.72 -17.68 6.89
CA PRO A 209 18.40 -18.31 6.97
C PRO A 209 17.61 -17.61 8.08
N GLY A 210 16.35 -17.29 7.79
CA GLY A 210 15.52 -16.53 8.73
C GLY A 210 15.68 -15.03 8.64
N GLY A 211 16.64 -14.58 7.82
CA GLY A 211 16.91 -13.16 7.63
C GLY A 211 15.86 -12.46 6.77
N PHE A 212 15.86 -11.13 6.81
CA PHE A 212 14.89 -10.32 6.10
C PHE A 212 15.44 -9.69 4.83
N LEU A 213 14.68 -9.78 3.75
CA LEU A 213 14.97 -9.00 2.55
C LEU A 213 14.01 -7.81 2.50
N VAL A 214 14.57 -6.61 2.50
CA VAL A 214 13.74 -5.41 2.37
C VAL A 214 14.06 -4.74 1.03
N MET A 215 13.03 -4.61 0.19
CA MET A 215 13.20 -4.04 -1.14
C MET A 215 12.23 -2.92 -1.46
N VAL A 216 12.74 -1.89 -2.11
CA VAL A 216 11.94 -0.80 -2.66
C VAL A 216 12.34 -0.61 -4.11
N ASP A 217 11.36 -0.42 -5.00
CA ASP A 217 11.67 -0.12 -6.41
C ASP A 217 10.47 0.44 -7.17
N ALA A 218 10.74 0.95 -8.36
CA ALA A 218 9.70 1.51 -9.24
C ALA A 218 8.84 0.41 -9.85
N LEU A 219 7.56 0.72 -10.09
CA LEU A 219 6.67 -0.18 -10.82
C LEU A 219 6.46 0.31 -12.25
N LYS A 220 6.49 -0.61 -13.21
CA LYS A 220 6.20 -0.33 -14.62
C LYS A 220 7.03 0.80 -15.22
N SER A 221 8.28 0.92 -14.77
CA SER A 221 9.18 1.95 -15.27
C SER A 221 10.18 1.35 -16.25
N SER A 222 10.33 1.97 -17.42
CA SER A 222 11.35 1.56 -18.39
C SER A 222 12.56 2.53 -18.46
N TYR A 223 12.46 3.67 -17.75
CA TYR A 223 13.59 4.60 -17.63
C TYR A 223 13.46 5.58 -16.46
N TYR A 224 14.59 6.17 -16.06
CA TYR A 224 14.59 7.35 -15.20
C TYR A 224 15.69 8.31 -15.68
N MET A 225 15.54 9.59 -15.35
CA MET A 225 16.47 10.61 -15.84
C MET A 225 17.29 11.24 -14.70
N ILE A 226 18.53 11.62 -15.02
CA ILE A 226 19.27 12.56 -14.20
C ILE A 226 19.65 13.69 -15.14
N GLY A 227 18.84 14.74 -15.12
CA GLY A 227 18.91 15.79 -16.12
C GLY A 227 18.69 15.23 -17.52
N GLU A 228 19.71 15.38 -18.36
CA GLU A 228 19.69 14.87 -19.73
C GLU A 228 20.04 13.40 -19.83
N GLN A 229 20.63 12.84 -18.78
CA GLN A 229 21.13 11.47 -18.80
C GLN A 229 19.97 10.49 -18.58
N LYS A 230 19.77 9.58 -19.53
CA LYS A 230 18.71 8.59 -19.44
C LYS A 230 19.29 7.26 -18.98
N PHE A 231 18.62 6.63 -18.01
CA PHE A 231 19.03 5.32 -17.52
C PHE A 231 17.84 4.35 -17.63
N SER A 232 18.12 3.15 -18.14
CA SER A 232 17.10 2.12 -18.31
C SER A 232 16.50 1.60 -17.00
N SER A 233 15.31 1.02 -17.12
CA SER A 233 14.67 0.31 -16.02
C SER A 233 13.89 -0.86 -16.59
N LEU A 234 13.81 -1.94 -15.81
CA LEU A 234 12.96 -3.07 -16.14
C LEU A 234 11.54 -2.81 -15.62
N PRO A 235 10.56 -2.71 -16.54
CA PRO A 235 9.18 -2.45 -16.14
C PRO A 235 8.50 -3.70 -15.59
N LEU A 236 8.14 -3.66 -14.31
CA LEU A 236 7.50 -4.79 -13.66
C LEU A 236 6.25 -4.32 -12.90
N GLY A 237 5.17 -5.09 -13.00
CA GLY A 237 3.98 -4.85 -12.18
C GLY A 237 4.18 -5.46 -10.81
N TRP A 238 3.33 -5.09 -9.86
CA TRP A 238 3.51 -5.55 -8.49
C TRP A 238 3.35 -7.08 -8.33
N GLU A 239 2.44 -7.67 -9.10
CA GLU A 239 2.23 -9.13 -9.07
C GLU A 239 3.49 -9.88 -9.52
N THR A 240 4.14 -9.34 -10.55
CA THR A 240 5.36 -9.92 -11.11
C THR A 240 6.52 -9.85 -10.10
N VAL A 241 6.63 -8.71 -9.42
CA VAL A 241 7.61 -8.54 -8.34
C VAL A 241 7.35 -9.59 -7.25
N ARG A 242 6.11 -9.65 -6.78
CA ARG A 242 5.69 -10.62 -5.76
C ARG A 242 6.09 -12.05 -6.16
N ASP A 243 5.76 -12.45 -7.39
CA ASP A 243 6.03 -13.81 -7.87
C ASP A 243 7.52 -14.13 -7.94
N ALA A 244 8.32 -13.19 -8.47
CA ALA A 244 9.78 -13.37 -8.55
C ALA A 244 10.40 -13.57 -7.16
N VAL A 245 9.95 -12.77 -6.19
CA VAL A 245 10.44 -12.85 -4.81
C VAL A 245 10.02 -14.17 -4.14
N GLU A 246 8.77 -14.55 -4.36
CA GLU A 246 8.23 -15.78 -3.77
C GLU A 246 8.84 -17.04 -4.38
N GLU A 247 9.19 -16.96 -5.66
CA GLU A 247 9.81 -18.07 -6.38
C GLU A 247 11.29 -18.23 -5.99
N ALA A 248 11.85 -17.18 -5.38
CA ALA A 248 13.20 -17.21 -4.85
C ALA A 248 13.20 -17.79 -3.43
N GLY A 249 12.03 -18.16 -2.93
CA GLY A 249 11.89 -18.87 -1.66
C GLY A 249 11.35 -18.04 -0.50
N TYR A 250 11.31 -16.73 -0.68
CA TYR A 250 10.91 -15.81 0.40
C TYR A 250 9.44 -15.87 0.74
N THR A 251 9.14 -15.88 2.03
CA THR A 251 7.79 -15.64 2.50
C THR A 251 7.63 -14.13 2.58
N ILE A 252 6.69 -13.59 1.81
CA ILE A 252 6.42 -12.16 1.86
C ILE A 252 5.64 -11.85 3.13
N GLU A 253 6.29 -11.08 4.00
CA GLU A 253 5.69 -10.72 5.28
CA GLU A 253 5.71 -10.70 5.29
C GLU A 253 4.87 -9.44 5.15
N GLN A 254 5.36 -8.51 4.32
CA GLN A 254 4.72 -7.21 4.07
C GLN A 254 4.92 -6.82 2.60
N PHE A 255 3.93 -6.14 2.03
CA PHE A 255 4.00 -5.65 0.65
C PHE A 255 3.06 -4.48 0.53
N GLU A 256 3.59 -3.34 0.08
CA GLU A 256 2.79 -2.15 -0.14
C GLU A 256 3.06 -1.55 -1.51
N VAL A 257 2.01 -1.00 -2.12
CA VAL A 257 2.13 -0.19 -3.33
C VAL A 257 2.07 1.29 -2.94
N ILE A 258 3.03 2.06 -3.45
CA ILE A 258 3.07 3.52 -3.31
C ILE A 258 2.54 4.07 -4.64
N SER A 259 1.35 4.68 -4.59
CA SER A 259 0.61 5.06 -5.80
C SER A 259 1.05 6.38 -6.43
N GLN A 260 2.28 6.82 -6.17
CA GLN A 260 2.79 8.08 -6.71
C GLN A 260 3.75 7.92 -7.89
N ASN A 261 3.68 8.88 -8.81
CA ASN A 261 4.51 8.88 -10.01
C ASN A 261 5.58 9.98 -9.96
N TYR A 262 6.76 9.68 -10.50
CA TYR A 262 7.78 10.71 -10.68
C TYR A 262 7.29 11.73 -11.71
N SER A 263 7.95 12.89 -11.77
CA SER A 263 7.57 13.96 -12.69
C SER A 263 7.50 13.46 -14.13
N SER A 264 6.61 14.04 -14.92
CA SER A 264 6.48 13.64 -16.31
C SER A 264 7.81 13.94 -17.02
N THR A 265 8.20 13.05 -17.93
CA THR A 265 9.52 13.05 -18.61
C THR A 265 10.73 12.68 -17.74
N THR A 266 10.53 12.60 -16.42
CA THR A 266 11.57 12.15 -15.49
C THR A 266 11.62 10.62 -15.40
N SER A 267 10.44 10.01 -15.50
CA SER A 267 10.27 8.56 -15.53
C SER A 267 8.89 8.26 -16.09
N ASN A 268 8.67 7.00 -16.47
CA ASN A 268 7.34 6.57 -16.87
C ASN A 268 6.75 5.56 -15.87
N ASN A 269 7.27 5.59 -14.63
CA ASN A 269 6.77 4.68 -13.59
C ASN A 269 5.28 4.89 -13.31
N GLU A 270 4.64 3.82 -12.85
CA GLU A 270 3.29 3.88 -12.30
CA GLU A 270 3.28 3.88 -12.32
C GLU A 270 3.34 3.35 -10.88
N GLY A 271 3.70 4.24 -9.97
CA GLY A 271 3.87 3.89 -8.57
C GLY A 271 5.20 3.22 -8.28
N LEU A 272 5.35 2.82 -7.02
CA LEU A 272 6.52 2.11 -6.53
C LEU A 272 6.01 1.04 -5.58
N PHE A 273 6.89 0.16 -5.13
CA PHE A 273 6.54 -0.82 -4.10
C PHE A 273 7.56 -0.84 -2.98
N SER A 274 7.15 -1.31 -1.81
CA SER A 274 8.07 -1.74 -0.76
C SER A 274 7.62 -3.13 -0.32
N LEU A 275 8.57 -3.94 0.13
CA LEU A 275 8.23 -5.28 0.59
C LEU A 275 9.22 -5.79 1.61
N VAL A 276 8.75 -6.69 2.45
CA VAL A 276 9.59 -7.39 3.43
C VAL A 276 9.41 -8.86 3.19
N GLY A 277 10.53 -9.52 2.91
CA GLY A 277 10.56 -10.97 2.71
C GLY A 277 11.38 -11.60 3.82
N ARG A 278 11.13 -12.87 4.06
CA ARG A 278 11.92 -13.63 5.03
C ARG A 278 12.47 -14.88 4.35
N LYS A 279 13.78 -15.08 4.50
CA LYS A 279 14.46 -16.23 3.93
C LYS A 279 14.12 -17.47 4.77
N PRO A 280 13.79 -18.60 4.10
CA PRO A 280 13.47 -19.85 4.81
C PRO A 280 14.61 -20.31 5.71
N PHE B 25 -22.66 -12.53 -17.65
CA PHE B 25 -22.36 -11.25 -16.94
C PHE B 25 -23.54 -10.74 -16.11
N THR B 26 -23.50 -11.07 -14.81
CA THR B 26 -24.58 -10.83 -13.86
C THR B 26 -25.32 -9.48 -13.98
N SER B 27 -26.64 -9.57 -14.18
CA SER B 27 -27.50 -8.38 -14.20
C SER B 27 -28.24 -8.22 -12.87
N LYS B 28 -28.91 -7.07 -12.71
CA LYS B 28 -29.59 -6.72 -11.46
C LYS B 28 -30.52 -7.82 -10.93
N ASP B 29 -31.37 -8.34 -11.80
CA ASP B 29 -32.34 -9.39 -11.45
C ASP B 29 -31.73 -10.65 -10.84
N THR B 30 -30.54 -11.01 -11.30
CA THR B 30 -29.86 -12.22 -10.85
C THR B 30 -29.46 -12.13 -9.37
N TYR B 31 -29.16 -10.91 -8.90
CA TYR B 31 -28.92 -10.68 -7.48
C TYR B 31 -30.20 -10.89 -6.68
N LEU B 32 -31.28 -10.26 -7.11
CA LEU B 32 -32.59 -10.37 -6.44
C LEU B 32 -33.02 -11.83 -6.28
N SER B 33 -32.85 -12.62 -7.35
CA SER B 33 -33.29 -14.02 -7.35
C SER B 33 -32.27 -15.04 -6.82
N HIS B 34 -30.98 -14.70 -6.85
CA HIS B 34 -29.96 -15.71 -6.53
C HIS B 34 -28.94 -15.38 -5.42
N PHE B 35 -28.77 -14.10 -5.09
CA PHE B 35 -27.84 -13.72 -4.00
C PHE B 35 -28.35 -14.21 -2.64
N ASN B 36 -27.60 -15.11 -2.02
CA ASN B 36 -27.93 -15.68 -0.72
C ASN B 36 -27.05 -15.07 0.39
N PRO B 37 -27.65 -14.21 1.25
CA PRO B 37 -26.93 -13.46 2.30
C PRO B 37 -26.24 -14.34 3.34
N ARG B 38 -26.94 -15.35 3.86
CA ARG B 38 -26.38 -16.22 4.89
C ARG B 38 -25.19 -17.05 4.38
N ASP B 39 -25.28 -17.52 3.14
CA ASP B 39 -24.18 -18.23 2.51
C ASP B 39 -22.99 -17.28 2.31
N TYR B 40 -23.29 -16.08 1.83
CA TYR B 40 -22.28 -15.03 1.65
C TYR B 40 -21.53 -14.73 2.96
N LEU B 41 -22.27 -14.57 4.05
CA LEU B 41 -21.71 -14.24 5.36
C LEU B 41 -20.90 -15.37 5.98
N GLU B 42 -21.36 -16.60 5.82
CA GLU B 42 -20.66 -17.78 6.35
C GLU B 42 -19.29 -17.93 5.67
N LYS B 43 -19.29 -17.78 4.36
CA LYS B 43 -18.08 -17.94 3.54
C LYS B 43 -17.03 -16.86 3.84
N TYR B 44 -17.44 -15.60 3.75
CA TYR B 44 -16.50 -14.48 3.74
C TYR B 44 -16.27 -13.76 5.07
N TYR B 45 -17.24 -13.84 5.98
CA TYR B 45 -17.19 -13.01 7.18
C TYR B 45 -17.30 -13.75 8.51
N SER B 46 -17.09 -15.07 8.47
CA SER B 46 -16.86 -15.85 9.68
C SER B 46 -15.39 -15.75 10.04
N HIS B 51 -11.80 -20.87 6.34
CA HIS B 51 -11.63 -19.84 5.32
C HIS B 51 -10.43 -18.94 5.63
N CYS B 52 -9.23 -19.52 5.57
CA CYS B 52 -8.00 -18.82 5.90
C CYS B 52 -7.75 -17.58 5.01
N ALA B 53 -7.86 -17.76 3.69
CA ALA B 53 -7.61 -16.67 2.74
C ALA B 53 -8.61 -15.52 2.95
N GLU B 54 -9.89 -15.89 3.11
CA GLU B 54 -10.95 -14.93 3.36
C GLU B 54 -10.73 -14.18 4.68
N ASN B 55 -10.25 -14.88 5.71
CA ASN B 55 -9.90 -14.30 7.00
C ASN B 55 -8.75 -13.29 6.92
N GLU B 56 -7.74 -13.62 6.13
CA GLU B 56 -6.60 -12.73 5.90
C GLU B 56 -7.02 -11.42 5.25
N ILE B 57 -7.85 -11.52 4.22
CA ILE B 57 -8.38 -10.36 3.52
C ILE B 57 -9.18 -9.47 4.47
N LEU B 58 -10.08 -10.11 5.22
CA LEU B 58 -10.89 -9.41 6.22
C LEU B 58 -10.05 -8.64 7.24
N ARG B 59 -9.01 -9.30 7.78
CA ARG B 59 -8.09 -8.63 8.70
C ARG B 59 -7.51 -7.38 8.07
N HIS B 60 -7.02 -7.52 6.83
CA HIS B 60 -6.39 -6.40 6.13
C HIS B 60 -7.39 -5.26 5.85
N LEU B 61 -8.61 -5.61 5.46
CA LEU B 61 -9.70 -4.63 5.25
C LEU B 61 -10.01 -3.85 6.52
N LEU B 62 -10.15 -4.56 7.64
CA LEU B 62 -10.41 -3.92 8.93
C LEU B 62 -9.29 -2.97 9.33
N LYS B 63 -8.04 -3.37 9.10
CA LYS B 63 -6.88 -2.52 9.34
C LYS B 63 -6.94 -1.23 8.51
N ASN B 64 -7.19 -1.38 7.22
CA ASN B 64 -7.25 -0.23 6.33
C ASN B 64 -8.41 0.72 6.66
N LEU B 65 -9.57 0.15 6.99
CA LEU B 65 -10.72 0.95 7.41
C LEU B 65 -10.47 1.70 8.74
N PHE B 66 -9.75 1.05 9.65
CA PHE B 66 -9.30 1.73 10.87
C PHE B 66 -8.44 2.95 10.54
N LYS B 67 -7.42 2.75 9.70
CA LYS B 67 -6.56 3.84 9.26
C LYS B 67 -7.35 4.97 8.59
N ILE B 68 -8.28 4.61 7.71
CA ILE B 68 -9.08 5.58 6.95
C ILE B 68 -9.96 6.45 7.85
N PHE B 69 -10.69 5.81 8.77
CA PHE B 69 -11.69 6.51 9.57
C PHE B 69 -11.20 7.06 10.91
N CYS B 70 -10.15 6.46 11.47
CA CYS B 70 -9.67 6.84 12.80
C CYS B 70 -8.36 7.62 12.81
N LEU B 71 -7.44 7.28 11.91
CA LEU B 71 -6.12 7.93 11.86
C LEU B 71 -6.05 9.07 10.85
N GLY B 72 -7.06 9.16 9.98
CA GLY B 72 -7.09 10.17 8.94
C GLY B 72 -8.02 11.35 9.25
N ALA B 73 -8.47 12.02 8.20
CA ALA B 73 -9.31 13.22 8.33
C ALA B 73 -10.75 13.01 7.84
N VAL B 74 -11.09 11.76 7.52
CA VAL B 74 -12.44 11.43 7.07
C VAL B 74 -13.37 11.45 8.27
N LYS B 75 -14.11 12.55 8.38
CA LYS B 75 -15.07 12.77 9.47
C LYS B 75 -16.22 13.64 9.00
N GLY B 76 -17.30 13.65 9.76
CA GLY B 76 -18.47 14.46 9.45
C GLY B 76 -19.66 13.96 10.22
N GLU B 77 -20.85 14.33 9.75
CA GLU B 77 -22.08 13.93 10.40
C GLU B 77 -22.70 12.71 9.72
N LEU B 78 -22.89 12.82 8.41
CA LEU B 78 -23.64 11.83 7.67
C LEU B 78 -22.77 11.04 6.70
N LEU B 79 -22.84 9.71 6.83
CA LEU B 79 -22.19 8.78 5.91
C LEU B 79 -23.25 7.91 5.25
N ILE B 80 -23.12 7.73 3.94
CA ILE B 80 -24.00 6.82 3.21
C ILE B 80 -23.19 5.65 2.67
N ASP B 81 -23.59 4.44 3.06
CA ASP B 81 -22.98 3.22 2.56
C ASP B 81 -23.78 2.69 1.38
N ILE B 82 -23.12 2.59 0.23
CA ILE B 82 -23.75 2.13 -1.01
C ILE B 82 -23.39 0.67 -1.27
N GLY B 83 -24.41 -0.16 -1.44
CA GLY B 83 -24.21 -1.58 -1.72
C GLY B 83 -23.70 -2.33 -0.51
N SER B 84 -24.27 -2.00 0.65
CA SER B 84 -23.91 -2.58 1.94
C SER B 84 -24.02 -4.10 2.00
N GLY B 85 -24.90 -4.65 1.17
CA GLY B 85 -25.27 -6.05 1.28
C GLY B 85 -25.73 -6.36 2.70
N PRO B 86 -25.41 -7.57 3.19
CA PRO B 86 -25.80 -8.00 4.53
C PRO B 86 -24.74 -7.74 5.60
N THR B 87 -23.75 -6.89 5.30
CA THR B 87 -22.58 -6.78 6.18
C THR B 87 -22.53 -5.46 6.94
N ILE B 88 -21.88 -5.51 8.12
CA ILE B 88 -21.65 -4.33 8.96
C ILE B 88 -20.16 -4.10 9.25
N TYR B 89 -19.30 -5.03 8.82
CA TYR B 89 -17.86 -4.95 9.11
C TYR B 89 -17.25 -3.61 8.66
N GLN B 90 -17.75 -3.10 7.54
CA GLN B 90 -17.23 -1.87 6.91
C GLN B 90 -17.70 -0.59 7.61
N LEU B 91 -18.50 -0.73 8.66
CA LEU B 91 -19.04 0.40 9.42
C LEU B 91 -18.48 0.52 10.85
N LEU B 92 -17.72 -0.48 11.28
CA LEU B 92 -17.30 -0.55 12.68
C LEU B 92 -16.39 0.60 13.10
N SER B 93 -15.37 0.89 12.29
CA SER B 93 -14.50 2.06 12.55
C SER B 93 -15.18 3.35 12.12
N ALA B 94 -16.02 3.27 11.09
CA ALA B 94 -16.72 4.44 10.56
C ALA B 94 -17.60 5.14 11.59
N CYS B 95 -18.25 4.36 12.45
CA CYS B 95 -19.16 4.93 13.46
C CYS B 95 -18.42 5.66 14.59
N GLU B 96 -17.09 5.60 14.57
CA GLU B 96 -16.27 6.41 15.48
C GLU B 96 -16.13 7.84 14.96
N SER B 97 -16.38 8.00 13.66
CA SER B 97 -16.18 9.27 12.97
C SER B 97 -17.47 9.88 12.43
N PHE B 98 -18.52 9.07 12.32
CA PHE B 98 -19.80 9.54 11.78
C PHE B 98 -20.94 9.14 12.70
N THR B 99 -21.75 10.12 13.07
CA THR B 99 -22.85 9.90 14.02
C THR B 99 -24.12 9.41 13.34
N GLU B 100 -24.23 9.68 12.05
CA GLU B 100 -25.39 9.22 11.27
C GLU B 100 -24.92 8.41 10.09
N ILE B 101 -25.46 7.20 9.97
CA ILE B 101 -25.11 6.30 8.88
C ILE B 101 -26.38 5.83 8.18
N ILE B 102 -26.34 5.85 6.85
CA ILE B 102 -27.38 5.24 6.04
C ILE B 102 -26.79 4.05 5.31
N VAL B 103 -27.41 2.89 5.49
CA VAL B 103 -27.04 1.69 4.76
C VAL B 103 -28.04 1.50 3.63
N SER B 104 -27.54 1.03 2.50
CA SER B 104 -28.38 0.85 1.32
C SER B 104 -27.89 -0.31 0.46
N ASP B 105 -28.82 -0.99 -0.19
CA ASP B 105 -28.49 -2.06 -1.11
C ASP B 105 -29.55 -2.17 -2.21
N TYR B 106 -29.17 -2.78 -3.33
CA TYR B 106 -30.13 -3.08 -4.38
C TYR B 106 -31.04 -4.25 -3.99
N THR B 107 -30.52 -5.14 -3.16
CA THR B 107 -31.13 -6.45 -2.93
C THR B 107 -31.90 -6.54 -1.62
N ASP B 108 -33.20 -6.85 -1.72
CA ASP B 108 -34.13 -6.91 -0.59
C ASP B 108 -33.70 -7.82 0.57
N GLN B 109 -33.28 -9.04 0.25
CA GLN B 109 -32.92 -10.02 1.28
C GLN B 109 -31.63 -9.67 2.05
N ASN B 110 -30.81 -8.80 1.46
CA ASN B 110 -29.64 -8.28 2.16
C ASN B 110 -30.04 -7.26 3.22
N LEU B 111 -31.03 -6.42 2.89
CA LEU B 111 -31.57 -5.46 3.85
C LEU B 111 -32.19 -6.16 5.05
N TRP B 112 -32.92 -7.26 4.79
CA TRP B 112 -33.55 -8.04 5.86
C TRP B 112 -32.52 -8.64 6.81
N GLU B 113 -31.39 -9.06 6.25
CA GLU B 113 -30.29 -9.60 7.06
C GLU B 113 -29.71 -8.54 8.01
N LEU B 114 -29.47 -7.35 7.48
CA LEU B 114 -29.03 -6.23 8.31
C LEU B 114 -30.04 -5.92 9.41
N GLN B 115 -31.32 -5.87 9.03
CA GLN B 115 -32.41 -5.58 9.97
C GLN B 115 -32.47 -6.58 11.13
N LYS B 116 -32.16 -7.85 10.87
CA LYS B 116 -32.05 -8.85 11.93
C LYS B 116 -31.00 -8.47 12.97
N TRP B 117 -29.82 -8.06 12.50
CA TRP B 117 -28.76 -7.63 13.40
C TRP B 117 -29.18 -6.36 14.16
N LEU B 118 -29.71 -5.39 13.43
CA LEU B 118 -30.16 -4.13 14.03
C LEU B 118 -31.18 -4.34 15.15
N LYS B 119 -32.16 -5.20 14.91
CA LYS B 119 -33.25 -5.42 15.85
C LYS B 119 -32.91 -6.47 16.92
N LYS B 120 -31.69 -7.00 16.86
CA LYS B 120 -31.19 -8.05 17.78
C LYS B 120 -32.06 -9.31 17.74
N GLU B 121 -32.42 -9.72 16.53
CA GLU B 121 -33.28 -10.89 16.35
C GLU B 121 -32.46 -12.18 16.43
N PRO B 122 -33.13 -13.30 16.77
CA PRO B 122 -32.49 -14.62 16.92
C PRO B 122 -31.62 -15.06 15.73
N GLY B 123 -32.08 -14.79 14.52
CA GLY B 123 -31.38 -15.22 13.30
C GLY B 123 -30.25 -14.31 12.83
N ALA B 124 -29.96 -13.27 13.60
CA ALA B 124 -28.88 -12.34 13.24
C ALA B 124 -27.52 -13.04 13.21
N PHE B 125 -26.71 -12.65 12.23
CA PHE B 125 -25.34 -13.14 12.11
C PHE B 125 -24.50 -12.71 13.32
N ASP B 126 -23.63 -13.60 13.78
CA ASP B 126 -22.75 -13.32 14.92
C ASP B 126 -21.49 -12.60 14.42
N TRP B 127 -21.47 -11.29 14.64
CA TRP B 127 -20.33 -10.44 14.23
C TRP B 127 -19.27 -10.28 15.33
N SER B 128 -19.45 -10.98 16.46
CA SER B 128 -18.58 -10.79 17.63
C SER B 128 -17.07 -10.81 17.35
N PRO B 129 -16.56 -11.85 16.63
CA PRO B 129 -15.13 -11.90 16.37
C PRO B 129 -14.63 -10.69 15.59
N VAL B 130 -15.42 -10.26 14.62
CA VAL B 130 -15.12 -9.07 13.81
C VAL B 130 -15.14 -7.83 14.71
N VAL B 131 -16.16 -7.73 15.56
CA VAL B 131 -16.30 -6.60 16.48
C VAL B 131 -15.12 -6.54 17.46
N THR B 132 -14.76 -7.68 18.04
CA THR B 132 -13.65 -7.75 18.99
C THR B 132 -12.32 -7.34 18.37
N TYR B 133 -12.07 -7.79 17.14
CA TYR B 133 -10.88 -7.42 16.37
C TYR B 133 -10.78 -5.91 16.16
N VAL B 134 -11.88 -5.29 15.75
CA VAL B 134 -11.90 -3.83 15.55
C VAL B 134 -11.64 -3.06 16.84
N CYS B 135 -12.31 -3.43 17.93
CA CYS B 135 -12.09 -2.81 19.24
C CYS B 135 -10.62 -2.93 19.69
N ASP B 136 -10.01 -4.07 19.38
CA ASP B 136 -8.58 -4.30 19.65
C ASP B 136 -7.71 -3.31 18.87
N LEU B 137 -8.02 -3.14 17.58
CA LEU B 137 -7.31 -2.15 16.74
C LEU B 137 -7.39 -0.75 17.35
N GLU B 138 -8.54 -0.43 17.92
CA GLU B 138 -8.79 0.89 18.47
C GLU B 138 -8.30 1.07 19.92
N GLY B 139 -7.65 0.03 20.46
CA GLY B 139 -6.97 0.11 21.75
C GLY B 139 -7.77 -0.21 23.01
N ASN B 140 -8.91 -0.85 22.85
CA ASN B 140 -9.73 -1.27 24.00
C ASN B 140 -10.60 -2.47 23.64
N ARG B 141 -10.07 -3.67 23.91
CA ARG B 141 -10.74 -4.89 23.46
C ARG B 141 -12.00 -5.25 24.27
N MET B 142 -12.21 -4.53 25.37
CA MET B 142 -13.33 -4.77 26.27
C MET B 142 -14.58 -3.92 25.99
N LYS B 143 -14.56 -3.12 24.91
CA LYS B 143 -15.67 -2.21 24.59
CA LYS B 143 -15.70 -2.22 24.62
C LYS B 143 -16.67 -2.78 23.59
N GLY B 144 -16.57 -4.08 23.32
CA GLY B 144 -17.46 -4.76 22.36
C GLY B 144 -18.92 -4.33 22.39
N PRO B 145 -19.61 -4.57 23.52
CA PRO B 145 -21.05 -4.24 23.63
C PRO B 145 -21.31 -2.76 23.39
N GLU B 146 -20.38 -1.92 23.80
CA GLU B 146 -20.46 -0.49 23.57
C GLU B 146 -20.32 -0.15 22.08
N LYS B 147 -19.38 -0.82 21.40
CA LYS B 147 -19.20 -0.68 19.95
C LYS B 147 -20.44 -1.08 19.15
N GLU B 148 -21.00 -2.25 19.46
CA GLU B 148 -22.18 -2.78 18.75
C GLU B 148 -23.39 -1.87 18.89
N GLU B 149 -23.57 -1.33 20.09
CA GLU B 149 -24.66 -0.40 20.38
C GLU B 149 -24.45 0.91 19.65
N LYS B 150 -23.20 1.37 19.67
CA LYS B 150 -22.79 2.60 19.00
C LYS B 150 -23.15 2.54 17.52
N LEU B 151 -22.80 1.44 16.85
CA LEU B 151 -23.10 1.27 15.44
C LEU B 151 -24.61 1.13 15.18
N ARG B 152 -25.30 0.34 16.01
CA ARG B 152 -26.76 0.22 15.91
C ARG B 152 -27.47 1.57 15.91
N ARG B 153 -27.14 2.40 16.90
CA ARG B 153 -27.69 3.77 17.00
C ARG B 153 -27.35 4.65 15.82
N ALA B 154 -26.12 4.51 15.33
CA ALA B 154 -25.62 5.32 14.21
C ALA B 154 -26.44 5.11 12.95
N ILE B 155 -26.89 3.87 12.71
CA ILE B 155 -27.67 3.56 11.52
C ILE B 155 -29.10 4.12 11.60
N LYS B 156 -29.37 5.14 10.80
CA LYS B 156 -30.65 5.86 10.87
C LYS B 156 -31.67 5.37 9.84
N GLN B 157 -31.20 4.98 8.66
CA GLN B 157 -32.08 4.45 7.62
C GLN B 157 -31.49 3.20 6.96
N VAL B 158 -32.37 2.32 6.50
CA VAL B 158 -32.02 1.15 5.70
C VAL B 158 -32.81 1.28 4.38
N LEU B 159 -32.10 1.58 3.29
CA LEU B 159 -32.74 1.99 2.03
C LEU B 159 -32.35 1.16 0.82
N LYS B 160 -33.21 1.19 -0.21
CA LYS B 160 -32.88 0.63 -1.51
C LYS B 160 -32.02 1.62 -2.28
N CYS B 161 -31.08 1.09 -3.06
CA CYS B 161 -30.28 1.93 -3.95
C CYS B 161 -29.97 1.24 -5.26
N ASP B 162 -29.68 2.04 -6.28
CA ASP B 162 -29.18 1.55 -7.56
C ASP B 162 -28.11 2.50 -8.05
N VAL B 163 -26.85 2.05 -8.01
CA VAL B 163 -25.70 2.87 -8.39
C VAL B 163 -25.75 3.31 -9.86
N THR B 164 -26.44 2.54 -10.68
CA THR B 164 -26.53 2.82 -12.12
C THR B 164 -27.41 4.04 -12.44
N GLN B 165 -28.25 4.43 -11.49
CA GLN B 165 -29.21 5.52 -11.70
C GLN B 165 -28.69 6.90 -11.30
N SER B 166 -29.17 7.92 -12.02
CA SER B 166 -28.86 9.32 -11.75
C SER B 166 -29.13 9.70 -10.29
N GLN B 167 -30.24 9.20 -9.75
CA GLN B 167 -30.56 9.30 -8.32
C GLN B 167 -30.47 7.91 -7.72
N PRO B 168 -29.30 7.53 -7.18
CA PRO B 168 -29.09 6.17 -6.69
C PRO B 168 -30.08 5.72 -5.60
N LEU B 169 -30.55 6.66 -4.78
CA LEU B 169 -31.44 6.32 -3.66
C LEU B 169 -32.94 6.46 -3.98
N GLY B 170 -33.27 6.45 -5.27
CA GLY B 170 -34.65 6.47 -5.72
C GLY B 170 -35.49 7.62 -5.19
N GLY B 171 -34.95 8.85 -5.34
CA GLY B 171 -35.68 10.07 -4.95
C GLY B 171 -36.17 10.18 -3.50
N VAL B 172 -35.38 9.62 -2.57
CA VAL B 172 -35.60 9.83 -1.13
C VAL B 172 -35.04 11.20 -0.74
N SER B 173 -35.71 11.86 0.21
CA SER B 173 -35.29 13.17 0.68
C SER B 173 -34.21 13.06 1.76
N LEU B 174 -32.98 13.40 1.39
CA LEU B 174 -31.85 13.33 2.31
C LEU B 174 -30.90 14.50 2.11
N PRO B 175 -30.32 15.02 3.20
CA PRO B 175 -29.30 16.07 3.09
C PRO B 175 -28.03 15.53 2.44
N PRO B 176 -27.20 16.42 1.85
CA PRO B 176 -25.93 15.99 1.27
C PRO B 176 -25.01 15.35 2.32
N ALA B 177 -24.40 14.22 1.96
CA ALA B 177 -23.57 13.47 2.89
C ALA B 177 -22.18 14.05 3.04
N ASP B 178 -21.54 13.76 4.17
CA ASP B 178 -20.15 14.13 4.38
C ASP B 178 -19.23 13.06 3.83
N CYS B 179 -19.74 11.83 3.73
CA CYS B 179 -18.97 10.71 3.22
C CYS B 179 -19.86 9.70 2.50
N LEU B 180 -19.35 9.19 1.39
CA LEU B 180 -19.94 8.05 0.70
C LEU B 180 -18.99 6.87 0.83
N LEU B 181 -19.52 5.74 1.25
CA LEU B 181 -18.75 4.51 1.40
C LEU B 181 -19.31 3.43 0.49
N SER B 182 -18.43 2.68 -0.16
CA SER B 182 -18.86 1.54 -0.97
C SER B 182 -17.77 0.49 -1.01
N THR B 183 -18.08 -0.69 -0.48
CA THR B 183 -17.12 -1.77 -0.40
C THR B 183 -17.57 -2.97 -1.21
N LEU B 184 -16.73 -3.39 -2.16
CA LEU B 184 -16.94 -4.59 -2.96
C LEU B 184 -18.26 -4.59 -3.73
N CYS B 185 -18.68 -3.41 -4.17
CA CYS B 185 -19.95 -3.26 -4.88
C CYS B 185 -19.78 -2.83 -6.35
N LEU B 186 -19.05 -1.74 -6.59
CA LEU B 186 -18.94 -1.16 -7.94
C LEU B 186 -18.39 -2.11 -9.01
N ASP B 187 -17.44 -2.97 -8.63
CA ASP B 187 -16.92 -4.04 -9.51
C ASP B 187 -18.00 -5.01 -9.93
N ALA B 188 -18.91 -5.33 -9.01
CA ALA B 188 -19.96 -6.31 -9.25
C ALA B 188 -21.18 -5.72 -9.95
N ALA B 189 -21.32 -4.39 -9.90
CA ALA B 189 -22.49 -3.71 -10.46
C ALA B 189 -22.24 -3.06 -11.82
N CYS B 190 -20.98 -2.93 -12.22
CA CYS B 190 -20.62 -2.22 -13.45
C CYS B 190 -19.99 -3.14 -14.52
N PRO B 191 -20.59 -3.14 -15.74
CA PRO B 191 -20.16 -3.92 -16.91
C PRO B 191 -18.82 -3.52 -17.53
N ASP B 192 -18.51 -2.23 -17.50
CA ASP B 192 -17.36 -1.69 -18.23
C ASP B 192 -16.90 -0.39 -17.59
N LEU B 193 -15.72 0.07 -17.98
CA LEU B 193 -15.14 1.28 -17.41
C LEU B 193 -16.03 2.53 -17.50
N PRO B 194 -16.63 2.82 -18.69
CA PRO B 194 -17.59 3.94 -18.77
C PRO B 194 -18.77 3.83 -17.79
N ALA B 195 -19.31 2.63 -17.62
CA ALA B 195 -20.38 2.38 -16.65
C ALA B 195 -19.87 2.56 -15.21
N TYR B 196 -18.62 2.21 -14.98
CA TYR B 196 -17.96 2.44 -13.70
C TYR B 196 -17.78 3.93 -13.45
N ARG B 197 -17.36 4.66 -14.49
CA ARG B 197 -17.20 6.12 -14.43
C ARG B 197 -18.54 6.80 -14.14
N THR B 198 -19.60 6.24 -14.71
CA THR B 198 -20.96 6.75 -14.51
C THR B 198 -21.40 6.55 -13.07
N ALA B 199 -21.26 5.32 -12.56
CA ALA B 199 -21.57 5.01 -11.17
C ALA B 199 -20.90 5.98 -10.20
N LEU B 200 -19.62 6.25 -10.42
CA LEU B 200 -18.87 7.23 -9.62
C LEU B 200 -19.49 8.63 -9.68
N ARG B 201 -19.92 9.04 -10.87
CA ARG B 201 -20.59 10.32 -11.05
C ARG B 201 -21.90 10.35 -10.26
N ASN B 202 -22.68 9.28 -10.40
CA ASN B 202 -23.95 9.11 -9.73
C ASN B 202 -23.85 9.19 -8.20
N LEU B 203 -22.81 8.58 -7.64
CA LEU B 203 -22.58 8.60 -6.19
C LEU B 203 -22.18 9.99 -5.70
N GLY B 204 -21.44 10.72 -6.53
CA GLY B 204 -21.02 12.09 -6.23
C GLY B 204 -22.18 13.04 -5.99
N SER B 205 -23.32 12.75 -6.59
CA SER B 205 -24.53 13.58 -6.45
C SER B 205 -25.07 13.58 -5.01
N LEU B 206 -24.67 12.59 -4.23
CA LEU B 206 -25.14 12.41 -2.85
C LEU B 206 -24.19 13.06 -1.86
N LEU B 207 -23.08 13.59 -2.38
CA LEU B 207 -21.97 14.00 -1.55
C LEU B 207 -21.73 15.51 -1.58
N LYS B 208 -21.60 16.09 -0.39
CA LYS B 208 -21.24 17.50 -0.24
C LYS B 208 -19.93 17.84 -0.95
N PRO B 209 -19.87 19.04 -1.55
CA PRO B 209 -18.57 19.61 -1.86
C PRO B 209 -17.66 19.56 -0.62
N GLY B 210 -16.44 19.07 -0.80
CA GLY B 210 -15.50 18.92 0.32
C GLY B 210 -15.68 17.62 1.07
N GLY B 211 -16.63 16.80 0.61
CA GLY B 211 -16.95 15.50 1.22
C GLY B 211 -16.04 14.39 0.76
N PHE B 212 -16.17 13.22 1.38
CA PHE B 212 -15.23 12.12 1.15
C PHE B 212 -15.83 10.93 0.42
N LEU B 213 -15.01 10.29 -0.42
CA LEU B 213 -15.37 9.04 -1.05
C LEU B 213 -14.43 7.96 -0.51
N VAL B 214 -15.01 6.93 0.11
CA VAL B 214 -14.23 5.78 0.56
C VAL B 214 -14.70 4.57 -0.22
N MET B 215 -13.75 3.87 -0.84
CA MET B 215 -14.05 2.73 -1.67
C MET B 215 -13.07 1.58 -1.47
N VAL B 216 -13.61 0.38 -1.43
CA VAL B 216 -12.84 -0.87 -1.36
C VAL B 216 -13.40 -1.82 -2.40
N ASP B 217 -12.52 -2.51 -3.14
CA ASP B 217 -12.95 -3.51 -4.09
C ASP B 217 -11.81 -4.41 -4.55
N ALA B 218 -12.17 -5.48 -5.25
CA ALA B 218 -11.21 -6.44 -5.76
C ALA B 218 -10.47 -5.89 -6.98
N LEU B 219 -9.26 -6.39 -7.20
CA LEU B 219 -8.46 -6.02 -8.36
C LEU B 219 -8.36 -7.20 -9.31
N LYS B 220 -8.44 -6.91 -10.62
CA LYS B 220 -8.26 -7.92 -11.68
C LYS B 220 -9.16 -9.15 -11.52
N SER B 221 -10.36 -8.93 -10.98
CA SER B 221 -11.29 -10.01 -10.73
C SER B 221 -12.40 -9.98 -11.78
N SER B 222 -12.63 -11.12 -12.41
CA SER B 222 -13.74 -11.25 -13.34
C SER B 222 -14.93 -11.98 -12.72
N TYR B 223 -14.73 -12.56 -11.53
CA TYR B 223 -15.80 -13.30 -10.85
C TYR B 223 -15.54 -13.54 -9.35
N TYR B 224 -16.62 -13.77 -8.61
CA TYR B 224 -16.54 -14.25 -7.22
C TYR B 224 -17.68 -15.23 -6.94
N MET B 225 -17.43 -16.17 -6.02
CA MET B 225 -18.39 -17.24 -5.74
C MET B 225 -19.13 -17.10 -4.42
N ILE B 226 -20.40 -17.51 -4.42
CA ILE B 226 -21.13 -17.77 -3.18
C ILE B 226 -21.69 -19.19 -3.31
N GLY B 227 -21.07 -20.13 -2.61
CA GLY B 227 -21.39 -21.54 -2.77
C GLY B 227 -21.08 -21.97 -4.19
N GLU B 228 -22.10 -22.40 -4.92
CA GLU B 228 -21.94 -22.80 -6.32
C GLU B 228 -22.45 -21.73 -7.28
N GLN B 229 -22.90 -20.61 -6.74
CA GLN B 229 -23.39 -19.48 -7.55
C GLN B 229 -22.25 -18.52 -7.92
N LYS B 230 -22.18 -18.19 -9.20
CA LYS B 230 -21.13 -17.33 -9.73
C LYS B 230 -21.66 -15.94 -10.07
N PHE B 231 -20.95 -14.92 -9.59
CA PHE B 231 -21.28 -13.54 -9.93
C PHE B 231 -20.10 -12.91 -10.63
N SER B 232 -20.38 -12.08 -11.63
CA SER B 232 -19.33 -11.47 -12.42
C SER B 232 -18.72 -10.25 -11.71
N SER B 233 -17.52 -9.87 -12.14
CA SER B 233 -16.83 -8.70 -11.63
C SER B 233 -16.16 -8.00 -12.79
N LEU B 234 -16.03 -6.69 -12.71
CA LEU B 234 -15.31 -5.92 -13.72
C LEU B 234 -13.81 -5.91 -13.38
N PRO B 235 -12.98 -6.59 -14.20
CA PRO B 235 -11.54 -6.63 -13.99
C PRO B 235 -10.88 -5.27 -14.18
N LEU B 236 -10.42 -4.69 -13.08
CA LEU B 236 -9.70 -3.43 -13.13
C LEU B 236 -8.38 -3.57 -12.40
N GLY B 237 -7.36 -2.90 -12.91
CA GLY B 237 -6.07 -2.82 -12.22
C GLY B 237 -6.06 -1.57 -11.37
N TRP B 238 -5.09 -1.48 -10.46
CA TRP B 238 -5.08 -0.38 -9.51
C TRP B 238 -4.91 1.00 -10.15
N GLU B 239 -4.12 1.08 -11.22
CA GLU B 239 -3.88 2.34 -11.93
C GLU B 239 -5.18 2.89 -12.53
N THR B 240 -6.00 1.98 -13.05
CA THR B 240 -7.27 2.34 -13.67
C THR B 240 -8.19 2.95 -12.61
N VAL B 241 -8.25 2.31 -11.43
CA VAL B 241 -9.05 2.80 -10.32
C VAL B 241 -8.57 4.18 -9.84
N ARG B 242 -7.28 4.33 -9.54
CA ARG B 242 -6.71 5.63 -9.17
C ARG B 242 -7.08 6.73 -10.19
N ASP B 243 -6.83 6.46 -11.47
CA ASP B 243 -7.07 7.44 -12.55
C ASP B 243 -8.55 7.80 -12.75
N ALA B 244 -9.42 6.79 -12.80
CA ALA B 244 -10.86 7.03 -12.93
C ALA B 244 -11.38 7.98 -11.84
N VAL B 245 -10.98 7.73 -10.60
CA VAL B 245 -11.40 8.55 -9.46
C VAL B 245 -10.87 9.99 -9.55
N GLU B 246 -9.59 10.13 -9.91
CA GLU B 246 -9.00 11.46 -10.13
C GLU B 246 -9.71 12.23 -11.25
N GLU B 247 -10.01 11.53 -12.34
CA GLU B 247 -10.69 12.11 -13.49
C GLU B 247 -12.17 12.44 -13.22
N ALA B 248 -12.74 11.86 -12.17
CA ALA B 248 -14.08 12.25 -11.70
C ALA B 248 -14.02 13.44 -10.73
N GLY B 249 -12.86 14.10 -10.70
CA GLY B 249 -12.68 15.34 -9.92
C GLY B 249 -12.17 15.15 -8.51
N TYR B 250 -12.14 13.92 -8.03
CA TYR B 250 -11.68 13.65 -6.66
C TYR B 250 -10.18 13.79 -6.54
N THR B 251 -9.75 14.54 -5.53
CA THR B 251 -8.35 14.57 -5.15
C THR B 251 -8.09 13.35 -4.25
N ILE B 252 -7.21 12.47 -4.68
CA ILE B 252 -6.95 11.25 -3.93
C ILE B 252 -6.07 11.52 -2.73
N GLU B 253 -6.64 11.30 -1.55
CA GLU B 253 -5.96 11.54 -0.28
C GLU B 253 -5.19 10.31 0.16
N GLN B 254 -5.77 9.13 -0.05
CA GLN B 254 -5.15 7.86 0.30
C GLN B 254 -5.44 6.82 -0.78
N PHE B 255 -4.49 5.91 -0.99
CA PHE B 255 -4.67 4.77 -1.87
C PHE B 255 -3.74 3.65 -1.42
N GLU B 256 -4.28 2.45 -1.29
CA GLU B 256 -3.50 1.28 -0.88
C GLU B 256 -3.90 0.05 -1.68
N VAL B 257 -2.93 -0.83 -1.93
CA VAL B 257 -3.21 -2.14 -2.49
C VAL B 257 -3.08 -3.15 -1.36
N ILE B 258 -4.08 -4.04 -1.28
CA ILE B 258 -4.05 -5.18 -0.38
C ILE B 258 -3.63 -6.38 -1.22
N SER B 259 -2.44 -6.89 -0.95
CA SER B 259 -1.80 -7.90 -1.78
C SER B 259 -2.19 -9.33 -1.42
N GLN B 260 -3.43 -9.53 -0.99
CA GLN B 260 -3.96 -10.85 -0.69
C GLN B 260 -5.00 -11.28 -1.73
N ASN B 261 -5.01 -12.58 -2.04
CA ASN B 261 -6.01 -13.16 -2.92
C ASN B 261 -7.01 -13.99 -2.12
N TYR B 262 -8.24 -14.10 -2.62
CA TYR B 262 -9.22 -15.02 -2.07
C TYR B 262 -8.79 -16.45 -2.42
N SER B 263 -9.41 -17.44 -1.79
CA SER B 263 -9.16 -18.85 -2.10
C SER B 263 -9.23 -19.10 -3.61
N SER B 264 -8.45 -20.08 -4.07
CA SER B 264 -8.26 -20.35 -5.52
C SER B 264 -9.54 -20.57 -6.32
N THR B 265 -10.57 -21.10 -5.67
CA THR B 265 -11.82 -21.39 -6.37
C THR B 265 -12.90 -20.34 -6.12
N THR B 266 -12.60 -19.42 -5.20
CA THR B 266 -13.54 -18.38 -4.78
C THR B 266 -13.56 -17.21 -5.75
N SER B 267 -12.37 -16.76 -6.15
CA SER B 267 -12.21 -15.63 -7.05
C SER B 267 -10.87 -15.75 -7.75
N ASN B 268 -10.75 -15.07 -8.89
CA ASN B 268 -9.48 -14.99 -9.60
C ASN B 268 -8.83 -13.63 -9.40
N ASN B 269 -9.20 -12.94 -8.33
CA ASN B 269 -8.66 -11.60 -8.05
C ASN B 269 -7.16 -11.62 -7.82
N GLU B 270 -6.51 -10.51 -8.15
CA GLU B 270 -5.12 -10.29 -7.78
C GLU B 270 -5.07 -9.10 -6.84
N GLY B 271 -5.36 -9.37 -5.56
CA GLY B 271 -5.38 -8.33 -4.55
C GLY B 271 -6.66 -7.50 -4.53
N LEU B 272 -6.67 -6.51 -3.63
CA LEU B 272 -7.79 -5.58 -3.54
C LEU B 272 -7.21 -4.17 -3.38
N PHE B 273 -8.06 -3.15 -3.46
CA PHE B 273 -7.63 -1.79 -3.17
C PHE B 273 -8.54 -1.16 -2.10
N SER B 274 -8.01 -0.16 -1.42
CA SER B 274 -8.82 0.77 -0.65
C SER B 274 -8.35 2.17 -1.00
N LEU B 275 -9.27 3.13 -0.97
CA LEU B 275 -8.92 4.50 -1.26
C LEU B 275 -9.81 5.53 -0.57
N VAL B 276 -9.26 6.74 -0.44
CA VAL B 276 -10.01 7.90 0.00
C VAL B 276 -9.89 8.99 -1.08
N GLY B 277 -11.02 9.47 -1.57
CA GLY B 277 -11.05 10.62 -2.48
C GLY B 277 -11.85 11.75 -1.84
N ARG B 278 -11.57 12.98 -2.26
CA ARG B 278 -12.28 14.14 -1.72
C ARG B 278 -12.81 15.04 -2.83
N LYS B 279 -14.11 15.38 -2.73
CA LYS B 279 -14.74 16.37 -3.61
C LYS B 279 -14.11 17.75 -3.42
N PRO B 280 -14.02 18.53 -4.52
CA PRO B 280 -13.49 19.89 -4.39
C PRO B 280 -14.49 20.84 -3.72
N SAH C . 19.77 3.27 -3.45
CA SAH C . 19.74 4.66 -3.92
CB SAH C . 20.36 4.82 -5.32
CG SAH C . 19.63 4.16 -6.49
SD SAH C . 20.29 4.73 -8.07
C SAH C . 18.33 5.26 -3.84
O SAH C . 18.10 6.38 -4.32
OXT SAH C . 17.41 4.65 -3.30
C5' SAH C . 20.63 3.06 -8.70
C4' SAH C . 21.97 2.52 -8.20
O4' SAH C . 22.17 1.20 -8.67
C3' SAH C . 23.19 3.33 -8.66
O3' SAH C . 23.84 3.84 -7.52
C2' SAH C . 24.05 2.33 -9.38
O2' SAH C . 25.44 2.48 -9.17
C1' SAH C . 23.56 1.01 -8.82
N9 SAH C . 23.87 -0.13 -9.70
C8 SAH C . 23.70 -0.20 -11.06
N7 SAH C . 24.09 -1.42 -11.47
C5 SAH C . 24.50 -2.13 -10.39
C6 SAH C . 25.00 -3.42 -10.23
N6 SAH C . 25.16 -4.22 -11.27
N1 SAH C . 25.33 -3.86 -8.97
C2 SAH C . 25.17 -3.04 -7.86
N3 SAH C . 24.69 -1.77 -8.03
C4 SAH C . 24.35 -1.33 -9.27
C4 8WO D . 13.39 5.71 -10.69
C5 8WO D . 14.04 6.59 -9.87
C2 8WO D . 15.31 4.26 -10.61
C3 8WO D . 14.03 4.55 -11.06
C1 8WO D . 15.31 6.28 -9.42
C6 8WO D . 13.35 3.60 -11.96
C8 8WO D . 17.23 4.85 -9.33
C7 8WO D . 15.21 8.16 -8.07
N1 8WO D . 15.90 5.15 -9.80
N2 8WO D . 13.80 2.32 -11.91
O1 8WO D . 12.47 4.03 -12.69
O2 8WO D . 16.02 7.12 -8.59
N SAH E . -20.62 -4.27 0.98
CA SAH E . -20.68 -5.70 1.27
CB SAH E . -21.43 -6.49 0.20
CG SAH E . -20.93 -6.44 -1.25
SD SAH E . -21.59 -7.82 -2.24
C SAH E . -19.28 -6.23 1.57
O SAH E . -18.31 -5.46 1.59
OXT SAH E . -19.08 -7.41 1.81
C5' SAH E . -22.07 -6.78 -3.63
C4' SAH E . -23.37 -5.98 -3.40
O4' SAH E . -23.66 -5.14 -4.49
C3' SAH E . -24.59 -6.87 -3.20
O3' SAH E . -25.11 -6.61 -1.91
C2' SAH E . -25.56 -6.45 -4.29
O2' SAH E . -26.89 -6.42 -3.86
C1' SAH E . -25.07 -5.05 -4.61
N9 SAH E . -25.49 -4.54 -5.93
C8 SAH E . -25.55 -5.23 -7.11
N7 SAH E . -25.97 -4.39 -8.08
C5 SAH E . -26.17 -3.16 -7.53
C6 SAH E . -26.60 -1.95 -8.06
N6 SAH E . -26.90 -1.82 -9.36
N1 SAH E . -26.72 -0.85 -7.23
C2 SAH E . -26.43 -0.96 -5.89
N3 SAH E . -26.00 -2.17 -5.36
C4 SAH E . -25.87 -3.25 -6.17
C4 8WO F . -14.98 -10.52 -4.39
C5 8WO F . -15.53 -10.77 -3.15
C2 8WO F . -16.91 -9.21 -4.94
C3 8WO F . -15.68 -9.73 -5.28
C1 8WO F . -16.76 -10.24 -2.85
C6 8WO F . -15.10 -9.47 -6.60
C8 8WO F . -18.72 -8.95 -3.38
C7 8WO F . -16.43 -10.84 -0.64
N1 8WO F . -17.40 -9.49 -3.74
N2 8WO F . -15.52 -8.34 -7.24
O1 8WO F . -14.29 -10.28 -7.06
O2 8WO F . -17.39 -10.46 -1.63
#